data_6A01
#
_entry.id   6A01
#
_cell.length_a   138.204
_cell.length_b   138.204
_cell.length_c   111.807
_cell.angle_alpha   90.00
_cell.angle_beta   90.00
_cell.angle_gamma   90.00
#
_symmetry.space_group_name_H-M   'I 4 2 2'
#
loop_
_entity.id
_entity.type
_entity.pdbx_description
1 polymer '4-hydroxymandelate oxidase'
2 non-polymer 'FLAVIN MONONUCLEOTIDE'
3 non-polymer '3,3-difluoro-2,2-dihydroxy-3-phenylpropanoic acid'
4 water water
#
_entity_poly.entity_id   1
_entity_poly.type   'polypeptide(L)'
_entity_poly.pdbx_seq_one_letter_code
;MGSSHHHHHHSSGLVPRGSHMTYVSLADLERAARDVLPGEIFDFLAGGSGTEASLVANRTALERVFVIPRMLRDLTDVTT
EIDIFGRRAALPMAVAPVAYQRLFHPEGELAVARAARDAGVPYTICTLSSVSLEEIAAVGGRPWFQLFWLRDEKRSLDLV
RRAEDAGCEAIVFTVDVPWMGRRLRDMRNGFALPEWVTAANFDAGTAAHRRTQGVSAVADHTAREFAPATWESVEAVRAH
TDLPVVLKGILAVEDARRAVDAGAGGIVVSNHGGRQLDGAVPGIEMLGEIVAAVSGGCEVLVDGGIRSGGDVLKATALGA
SAVLVGRPVMWALAAAGQDGVRQLLELLAEEVRDAMGLAGCESVGAARRLNTKLGVV
;
_entity_poly.pdbx_strand_id   A
#
# COMPACT_ATOMS: atom_id res chain seq x y z
N TYR A 23 -1.51 22.51 4.89
CA TYR A 23 -0.54 21.52 4.44
C TYR A 23 -0.34 21.64 2.93
N VAL A 24 0.90 21.88 2.50
CA VAL A 24 1.21 21.99 1.08
C VAL A 24 2.10 20.84 0.60
N SER A 25 2.51 19.99 1.55
CA SER A 25 3.25 18.77 1.23
C SER A 25 3.06 17.74 2.34
N LEU A 26 3.39 16.49 2.03
CA LEU A 26 3.22 15.41 3.00
C LEU A 26 4.20 15.54 4.15
N ALA A 27 5.30 16.26 3.91
CA ALA A 27 6.33 16.46 4.91
C ALA A 27 5.82 17.31 6.08
N ASP A 28 4.86 18.18 5.78
CA ASP A 28 4.22 19.00 6.81
C ASP A 28 3.57 18.11 7.87
N LEU A 29 2.90 17.06 7.40
CA LEU A 29 2.19 16.12 8.26
C LEU A 29 3.09 15.32 9.21
N GLU A 30 4.25 14.90 8.74
CA GLU A 30 5.10 14.05 9.57
C GLU A 30 5.53 14.78 10.84
N ARG A 31 5.87 16.07 10.70
CA ARG A 31 6.29 16.86 11.84
C ARG A 31 5.14 17.01 12.84
N ALA A 32 3.94 17.27 12.33
CA ALA A 32 2.75 17.36 13.17
C ALA A 32 2.52 16.06 13.93
N ALA A 33 2.68 14.94 13.26
CA ALA A 33 2.48 13.63 13.90
C ALA A 33 3.54 13.35 14.96
N ARG A 34 4.77 13.77 14.70
CA ARG A 34 5.86 13.54 15.66
C ARG A 34 5.58 14.28 16.96
N ASP A 35 5.01 15.47 16.85
CA ASP A 35 4.67 16.29 18.02
C ASP A 35 3.66 15.60 18.93
N VAL A 36 2.58 15.10 18.34
CA VAL A 36 1.44 14.62 19.12
C VAL A 36 1.60 13.18 19.60
N LEU A 37 2.32 12.35 18.85
CA LEU A 37 2.46 10.95 19.20
C LEU A 37 3.51 10.72 20.28
N PRO A 38 3.23 9.77 21.19
CA PRO A 38 4.28 9.27 22.08
C PRO A 38 5.45 8.74 21.26
N GLY A 39 6.67 8.97 21.72
CA GLY A 39 7.86 8.56 21.00
C GLY A 39 7.87 7.10 20.58
N GLU A 40 7.43 6.23 21.48
CA GLU A 40 7.44 4.79 21.22
C GLU A 40 6.50 4.44 20.07
N ILE A 41 5.42 5.18 19.95
CA ILE A 41 4.42 4.91 18.91
C ILE A 41 4.87 5.49 17.57
N PHE A 42 5.47 6.68 17.59
CA PHE A 42 6.05 7.24 16.38
C PHE A 42 7.16 6.33 15.85
N ASP A 43 7.92 5.72 16.75
CA ASP A 43 8.99 4.82 16.35
C ASP A 43 8.45 3.53 15.72
N PHE A 44 7.36 3.02 16.28
CA PHE A 44 6.70 1.85 15.72
C PHE A 44 6.29 2.12 14.28
N LEU A 45 5.78 3.34 14.05
CA LEU A 45 5.31 3.76 12.75
C LEU A 45 6.46 4.04 11.77
N ALA A 46 7.46 4.79 12.23
CA ALA A 46 8.53 5.27 11.36
C ALA A 46 9.60 4.23 11.07
N GLY A 47 9.82 3.31 12.01
CA GLY A 47 10.99 2.43 11.96
C GLY A 47 11.00 1.33 10.91
N GLY A 48 12.18 0.76 10.71
CA GLY A 48 12.34 -0.39 9.85
C GLY A 48 13.08 -1.47 10.61
N SER A 49 13.48 -2.53 9.91
CA SER A 49 14.22 -3.62 10.54
C SER A 49 15.72 -3.37 10.45
N GLY A 50 16.49 -4.04 11.31
CA GLY A 50 17.94 -3.97 11.28
C GLY A 50 18.48 -2.55 11.33
N THR A 51 19.38 -2.24 10.40
CA THR A 51 19.99 -0.91 10.33
C THR A 51 19.13 0.09 9.55
N GLU A 52 17.95 -0.37 9.13
CA GLU A 52 17.01 0.44 8.35
C GLU A 52 17.59 0.83 6.98
N ALA A 53 18.43 -0.06 6.44
CA ALA A 53 19.00 0.15 5.11
C ALA A 53 17.93 0.15 4.01
N SER A 54 16.98 -0.76 4.10
CA SER A 54 15.95 -0.89 3.08
C SER A 54 14.92 0.24 3.18
N LEU A 55 14.70 0.70 4.41
CA LEU A 55 13.84 1.86 4.65
C LEU A 55 14.37 3.10 3.93
N VAL A 56 15.64 3.38 4.15
CA VAL A 56 16.28 4.53 3.50
C VAL A 56 16.33 4.33 1.99
N ALA A 57 16.64 3.11 1.55
CA ALA A 57 16.79 2.83 0.12
C ALA A 57 15.50 3.05 -0.66
N ASN A 58 14.34 2.86 -0.04
CA ASN A 58 13.07 3.15 -0.72
C ASN A 58 13.02 4.61 -1.18
N ARG A 59 13.50 5.52 -0.34
CA ARG A 59 13.50 6.92 -0.70
C ARG A 59 14.60 7.25 -1.71
N THR A 60 15.80 6.73 -1.46
N THR A 60 15.80 6.73 -1.49
CA THR A 60 16.93 6.97 -2.34
CA THR A 60 16.90 7.05 -2.39
C THR A 60 16.61 6.50 -3.75
C THR A 60 16.66 6.47 -3.78
N ALA A 61 15.98 5.34 -3.85
CA ALA A 61 15.65 4.76 -5.15
C ALA A 61 14.67 5.67 -5.92
N LEU A 62 13.65 6.20 -5.24
CA LEU A 62 12.70 7.10 -5.91
C LEU A 62 13.37 8.40 -6.35
N GLU A 63 14.27 8.91 -5.51
CA GLU A 63 14.90 10.20 -5.80
C GLU A 63 15.86 10.14 -6.98
N ARG A 64 16.33 8.94 -7.31
CA ARG A 64 17.20 8.72 -8.47
C ARG A 64 16.46 8.68 -9.79
N VAL A 65 15.14 8.51 -9.72
CA VAL A 65 14.32 8.40 -10.92
C VAL A 65 13.89 9.77 -11.40
N PHE A 66 14.16 10.05 -12.67
CA PHE A 66 13.67 11.28 -13.29
C PHE A 66 12.75 10.94 -14.43
N VAL A 67 11.69 11.74 -14.57
CA VAL A 67 10.70 11.53 -15.62
C VAL A 67 11.05 12.35 -16.86
N ILE A 68 10.84 11.78 -18.04
CA ILE A 68 10.96 12.54 -19.28
C ILE A 68 9.57 12.96 -19.76
N PRO A 69 9.18 14.21 -19.46
CA PRO A 69 7.80 14.64 -19.75
C PRO A 69 7.57 14.91 -21.24
N ARG A 70 6.32 14.76 -21.66
CA ARG A 70 5.90 15.05 -23.03
C ARG A 70 5.16 16.39 -23.04
N MET A 71 5.27 17.10 -24.16
CA MET A 71 4.70 18.45 -24.27
C MET A 71 3.64 18.51 -25.35
N LEU A 72 2.77 19.51 -25.24
CA LEU A 72 1.89 19.91 -26.34
C LEU A 72 0.82 18.88 -26.68
N ARG A 73 0.45 18.06 -25.70
CA ARG A 73 -0.64 17.11 -25.88
C ARG A 73 -1.96 17.68 -25.35
N ASP A 74 -3.07 17.11 -25.81
CA ASP A 74 -4.39 17.55 -25.37
C ASP A 74 -4.62 17.25 -23.90
N LEU A 75 -4.88 18.29 -23.12
CA LEU A 75 -5.14 18.14 -21.69
C LEU A 75 -6.53 18.64 -21.32
N THR A 76 -7.45 18.64 -22.28
CA THR A 76 -8.80 19.16 -22.01
C THR A 76 -9.57 18.35 -20.96
N ASP A 77 -9.34 17.05 -20.90
CA ASP A 77 -10.01 16.22 -19.90
C ASP A 77 -9.02 15.31 -19.17
N VAL A 78 -8.08 15.89 -18.45
CA VAL A 78 -7.15 15.11 -17.64
C VAL A 78 -7.92 14.34 -16.58
N THR A 79 -7.71 13.03 -16.53
CA THR A 79 -8.35 12.21 -15.49
C THR A 79 -7.31 11.34 -14.79
N THR A 80 -7.40 11.29 -13.45
CA THR A 80 -6.49 10.47 -12.66
C THR A 80 -7.13 9.13 -12.28
N GLU A 81 -8.28 8.83 -12.87
CA GLU A 81 -9.02 7.64 -12.49
C GLU A 81 -8.43 6.38 -13.12
N ILE A 82 -8.55 5.26 -12.43
CA ILE A 82 -8.20 3.97 -12.98
C ILE A 82 -9.31 2.96 -12.70
N ASP A 83 -9.34 1.89 -13.48
CA ASP A 83 -10.18 0.73 -13.17
C ASP A 83 -9.28 -0.36 -12.63
N ILE A 84 -9.60 -0.87 -11.43
CA ILE A 84 -8.79 -1.94 -10.86
C ILE A 84 -9.65 -2.90 -10.04
N PHE A 85 -9.45 -4.19 -10.30
CA PHE A 85 -10.22 -5.26 -9.65
C PHE A 85 -11.71 -5.02 -9.76
N GLY A 86 -12.15 -4.60 -10.94
CA GLY A 86 -13.56 -4.46 -11.24
C GLY A 86 -14.20 -3.12 -10.93
N ARG A 87 -13.49 -2.25 -10.20
CA ARG A 87 -14.10 -0.99 -9.78
C ARG A 87 -13.25 0.23 -10.14
N ARG A 88 -13.93 1.34 -10.38
CA ARG A 88 -13.25 2.60 -10.65
C ARG A 88 -12.66 3.16 -9.36
N ALA A 89 -11.43 3.67 -9.43
CA ALA A 89 -10.84 4.40 -8.30
C ALA A 89 -10.48 5.80 -8.78
N ALA A 90 -10.53 6.76 -7.86
CA ALA A 90 -10.32 8.18 -8.20
C ALA A 90 -8.88 8.52 -8.53
N LEU A 91 -7.95 7.71 -8.00
CA LEU A 91 -6.51 7.87 -8.20
C LEU A 91 -5.89 6.50 -8.40
N PRO A 92 -4.69 6.43 -9.01
CA PRO A 92 -3.93 5.18 -9.04
C PRO A 92 -3.26 4.93 -7.69
N MET A 93 -4.06 4.77 -6.65
CA MET A 93 -3.55 4.74 -5.28
CA MET A 93 -3.54 4.70 -5.29
C MET A 93 -4.54 4.05 -4.34
N ALA A 94 -4.02 3.31 -3.36
CA ALA A 94 -4.83 2.75 -2.29
C ALA A 94 -4.12 2.97 -0.96
N VAL A 95 -4.89 2.98 0.13
CA VAL A 95 -4.29 3.03 1.47
C VAL A 95 -3.69 1.68 1.81
N ALA A 96 -2.40 1.67 2.16
CA ALA A 96 -1.71 0.42 2.49
C ALA A 96 -2.26 -0.17 3.79
N PRO A 97 -2.19 -1.50 3.92
CA PRO A 97 -2.52 -2.11 5.22
C PRO A 97 -1.53 -1.67 6.30
N VAL A 98 -2.06 -1.08 7.36
CA VAL A 98 -1.25 -0.69 8.51
C VAL A 98 -1.96 -1.14 9.79
N ALA A 99 -1.31 -2.00 10.57
CA ALA A 99 -1.94 -2.61 11.73
C ALA A 99 -2.23 -1.61 12.85
N TYR A 100 -3.26 -1.91 13.64
CA TYR A 100 -3.54 -1.20 14.91
C TYR A 100 -3.61 0.32 14.81
N GLN A 101 -4.49 0.83 13.96
CA GLN A 101 -4.51 2.26 13.70
C GLN A 101 -5.06 3.09 14.87
N ARG A 102 -5.67 2.45 15.87
CA ARG A 102 -6.08 3.16 17.08
C ARG A 102 -4.86 3.60 17.89
N LEU A 103 -3.68 3.08 17.52
CA LEU A 103 -2.44 3.54 18.12
C LEU A 103 -2.21 5.01 17.83
N PHE A 104 -2.73 5.48 16.70
CA PHE A 104 -2.42 6.83 16.20
C PHE A 104 -3.53 7.83 16.44
N HIS A 105 -4.75 7.34 16.64
CA HIS A 105 -5.91 8.21 16.85
C HIS A 105 -7.06 7.38 17.38
N PRO A 106 -7.86 7.94 18.31
CA PRO A 106 -8.99 7.23 18.92
C PRO A 106 -9.96 6.57 17.94
N GLU A 107 -10.21 7.23 16.80
CA GLU A 107 -11.14 6.68 15.82
C GLU A 107 -10.50 5.65 14.89
N GLY A 108 -9.17 5.57 14.93
CA GLY A 108 -8.43 4.53 14.24
C GLY A 108 -8.86 4.28 12.81
N GLU A 109 -9.09 3.01 12.49
CA GLU A 109 -9.40 2.59 11.13
C GLU A 109 -10.68 3.23 10.57
N LEU A 110 -11.64 3.56 11.42
CA LEU A 110 -12.89 4.13 10.94
C LEU A 110 -12.66 5.50 10.31
N ALA A 111 -11.81 6.30 10.95
CA ALA A 111 -11.50 7.62 10.42
C ALA A 111 -10.83 7.52 9.05
N VAL A 112 -9.87 6.62 8.92
CA VAL A 112 -9.14 6.49 7.66
C VAL A 112 -10.05 5.96 6.56
N ALA A 113 -10.83 4.94 6.87
CA ALA A 113 -11.74 4.33 5.92
C ALA A 113 -12.79 5.33 5.43
N ARG A 114 -13.30 6.17 6.32
CA ARG A 114 -14.28 7.17 5.92
C ARG A 114 -13.69 8.17 4.94
N ALA A 115 -12.49 8.66 5.25
CA ALA A 115 -11.81 9.61 4.38
C ALA A 115 -11.49 8.98 3.02
N ALA A 116 -11.03 7.73 3.03
CA ALA A 116 -10.70 7.01 1.79
C ALA A 116 -11.94 6.83 0.94
N ARG A 117 -13.04 6.42 1.58
CA ARG A 117 -14.33 6.32 0.90
C ARG A 117 -14.70 7.63 0.21
N ASP A 118 -14.59 8.72 0.96
CA ASP A 118 -15.00 10.04 0.45
C ASP A 118 -14.10 10.46 -0.71
N ALA A 119 -12.86 10.00 -0.69
CA ALA A 119 -11.87 10.39 -1.71
C ALA A 119 -11.90 9.47 -2.92
N GLY A 120 -12.66 8.38 -2.84
CA GLY A 120 -12.75 7.44 -3.93
C GLY A 120 -11.53 6.55 -4.07
N VAL A 121 -10.82 6.35 -2.96
CA VAL A 121 -9.60 5.55 -2.90
CA VAL A 121 -9.65 5.48 -3.01
C VAL A 121 -9.84 4.26 -2.12
N PRO A 122 -9.40 3.10 -2.64
CA PRO A 122 -9.54 1.85 -1.89
C PRO A 122 -8.81 1.90 -0.55
N TYR A 123 -9.42 1.31 0.46
CA TYR A 123 -8.83 1.21 1.79
C TYR A 123 -8.56 -0.26 2.10
N THR A 124 -7.35 -0.57 2.58
CA THR A 124 -7.04 -1.96 2.89
C THR A 124 -7.21 -2.28 4.38
N ILE A 125 -8.26 -3.01 4.69
CA ILE A 125 -8.52 -3.48 6.05
C ILE A 125 -7.50 -4.54 6.45
N CYS A 126 -6.89 -4.37 7.62
CA CYS A 126 -5.88 -5.31 8.11
C CYS A 126 -6.43 -6.48 8.92
N THR A 127 -5.74 -7.60 8.82
CA THR A 127 -5.98 -8.73 9.69
C THR A 127 -5.84 -8.29 11.15
N LEU A 128 -4.87 -7.43 11.40
CA LEU A 128 -4.63 -6.93 12.75
C LEU A 128 -5.22 -5.55 12.96
N SER A 129 -6.41 -5.31 12.42
CA SER A 129 -7.08 -4.02 12.63
C SER A 129 -7.54 -3.91 14.08
N SER A 130 -7.56 -2.70 14.62
CA SER A 130 -7.99 -2.49 16.00
C SER A 130 -9.48 -2.17 16.05
N VAL A 131 -10.13 -2.24 14.90
CA VAL A 131 -11.59 -2.22 14.77
C VAL A 131 -11.95 -3.38 13.86
N SER A 132 -13.04 -4.09 14.15
CA SER A 132 -13.37 -5.29 13.38
C SER A 132 -13.57 -4.99 11.91
N LEU A 133 -13.26 -5.97 11.06
CA LEU A 133 -13.34 -5.78 9.62
C LEU A 133 -14.78 -5.51 9.16
N GLU A 134 -15.76 -6.09 9.86
CA GLU A 134 -17.15 -5.86 9.52
C GLU A 134 -17.54 -4.40 9.73
N GLU A 135 -17.12 -3.83 10.85
CA GLU A 135 -17.39 -2.42 11.13
C GLU A 135 -16.73 -1.51 10.10
N ILE A 136 -15.47 -1.79 9.77
CA ILE A 136 -14.77 -0.94 8.81
C ILE A 136 -15.44 -1.05 7.46
N ALA A 137 -15.84 -2.26 7.08
CA ALA A 137 -16.49 -2.48 5.79
C ALA A 137 -17.84 -1.76 5.71
N ALA A 138 -18.51 -1.65 6.86
CA ALA A 138 -19.82 -1.01 6.91
C ALA A 138 -19.72 0.47 6.55
N VAL A 139 -18.53 1.04 6.72
CA VAL A 139 -18.28 2.44 6.35
C VAL A 139 -18.60 2.67 4.87
N GLY A 140 -18.47 1.62 4.06
CA GLY A 140 -18.70 1.71 2.62
C GLY A 140 -17.41 1.85 1.85
N GLY A 141 -17.48 2.43 0.66
CA GLY A 141 -16.31 2.67 -0.16
C GLY A 141 -15.79 1.42 -0.85
N ARG A 142 -14.48 1.37 -1.06
CA ARG A 142 -13.86 0.24 -1.75
C ARG A 142 -12.96 -0.54 -0.79
N PRO A 143 -13.55 -1.33 0.13
CA PRO A 143 -12.62 -1.98 1.07
C PRO A 143 -11.94 -3.21 0.45
N TRP A 144 -10.62 -3.30 0.62
CA TRP A 144 -9.88 -4.51 0.35
C TRP A 144 -9.57 -5.14 1.69
N PHE A 145 -9.21 -6.42 1.71
CA PHE A 145 -8.84 -7.04 2.98
C PHE A 145 -7.46 -7.70 2.91
N GLN A 146 -6.58 -7.30 3.82
CA GLN A 146 -5.24 -7.88 3.91
C GLN A 146 -5.23 -9.09 4.83
N LEU A 147 -4.67 -10.18 4.32
CA LEU A 147 -4.62 -11.44 5.05
C LEU A 147 -3.22 -11.80 5.52
N PHE A 148 -3.09 -12.12 6.81
CA PHE A 148 -1.92 -12.82 7.33
C PHE A 148 -2.29 -14.29 7.48
N TRP A 149 -1.40 -15.18 7.04
CA TRP A 149 -1.64 -16.60 7.16
C TRP A 149 -1.48 -17.00 8.62
N LEU A 150 -2.41 -17.81 9.12
CA LEU A 150 -2.40 -18.18 10.52
C LEU A 150 -2.01 -19.64 10.71
N ARG A 151 -1.40 -19.93 11.85
CA ARG A 151 -0.98 -21.28 12.21
C ARG A 151 -2.16 -22.23 12.09
N ASP A 152 -3.32 -21.83 12.58
CA ASP A 152 -4.55 -22.55 12.29
C ASP A 152 -5.05 -22.03 10.95
N GLU A 153 -4.93 -22.87 9.92
CA GLU A 153 -5.31 -22.50 8.57
C GLU A 153 -6.78 -22.14 8.43
N LYS A 154 -7.62 -22.86 9.17
CA LYS A 154 -9.06 -22.65 9.10
C LYS A 154 -9.46 -21.24 9.53
N ARG A 155 -8.74 -20.68 10.50
CA ARG A 155 -9.00 -19.30 10.90
C ARG A 155 -8.68 -18.34 9.75
N SER A 156 -7.60 -18.60 9.01
CA SER A 156 -7.24 -17.73 7.90
CA SER A 156 -7.21 -17.76 7.88
C SER A 156 -8.30 -17.79 6.81
N LEU A 157 -8.78 -18.99 6.47
CA LEU A 157 -9.80 -19.12 5.45
C LEU A 157 -11.14 -18.55 5.94
N ASP A 158 -11.36 -18.56 7.25
CA ASP A 158 -12.56 -17.97 7.83
C ASP A 158 -12.51 -16.44 7.71
N LEU A 159 -11.34 -15.86 7.93
CA LEU A 159 -11.16 -14.42 7.76
C LEU A 159 -11.47 -14.03 6.34
N VAL A 160 -11.03 -14.85 5.39
CA VAL A 160 -11.27 -14.57 3.99
C VAL A 160 -12.77 -14.57 3.71
N ARG A 161 -13.46 -15.57 4.26
CA ARG A 161 -14.90 -15.67 4.08
C ARG A 161 -15.60 -14.47 4.71
N ARG A 162 -15.17 -14.09 5.91
CA ARG A 162 -15.74 -12.93 6.59
C ARG A 162 -15.59 -11.69 5.75
N ALA A 163 -14.40 -11.49 5.21
CA ALA A 163 -14.12 -10.32 4.39
C ALA A 163 -15.01 -10.28 3.16
N GLU A 164 -15.15 -11.42 2.50
CA GLU A 164 -15.97 -11.47 1.29
C GLU A 164 -17.45 -11.20 1.61
N ASP A 165 -17.94 -11.82 2.69
CA ASP A 165 -19.31 -11.62 3.14
C ASP A 165 -19.60 -10.16 3.51
N ALA A 166 -18.60 -9.48 4.04
CA ALA A 166 -18.75 -8.09 4.47
C ALA A 166 -18.63 -7.11 3.31
N GLY A 167 -18.32 -7.62 2.11
CA GLY A 167 -18.26 -6.80 0.92
C GLY A 167 -16.88 -6.30 0.50
N CYS A 168 -15.82 -6.93 1.01
CA CYS A 168 -14.48 -6.58 0.56
C CYS A 168 -14.35 -7.04 -0.88
N GLU A 169 -13.52 -6.33 -1.66
N GLU A 169 -13.54 -6.35 -1.69
CA GLU A 169 -13.47 -6.54 -3.10
CA GLU A 169 -13.50 -6.66 -3.11
C GLU A 169 -12.20 -7.27 -3.58
C GLU A 169 -12.12 -7.09 -3.61
N ALA A 170 -11.23 -7.40 -2.68
CA ALA A 170 -9.96 -8.04 -3.01
C ALA A 170 -9.30 -8.58 -1.75
N ILE A 171 -8.61 -9.71 -1.88
CA ILE A 171 -7.83 -10.24 -0.78
C ILE A 171 -6.35 -9.92 -1.02
N VAL A 172 -5.77 -9.09 -0.16
CA VAL A 172 -4.35 -8.74 -0.26
C VAL A 172 -3.56 -9.70 0.64
N PHE A 173 -3.01 -10.74 0.04
CA PHE A 173 -2.35 -11.78 0.82
C PHE A 173 -0.89 -11.36 1.04
N THR A 174 -0.54 -11.07 2.29
CA THR A 174 0.82 -10.63 2.58
C THR A 174 1.74 -11.85 2.62
N VAL A 175 2.75 -11.84 1.76
CA VAL A 175 3.56 -13.04 1.56
C VAL A 175 5.01 -12.88 1.99
N ASP A 176 5.35 -11.72 2.57
CA ASP A 176 6.74 -11.47 2.96
C ASP A 176 6.91 -11.44 4.47
N VAL A 177 5.93 -12.00 5.18
CA VAL A 177 5.98 -12.07 6.64
C VAL A 177 5.76 -13.52 7.12
N PRO A 178 6.76 -14.39 6.91
CA PRO A 178 6.68 -15.72 7.54
C PRO A 178 6.75 -15.53 9.05
N TRP A 179 7.48 -14.50 9.45
CA TRP A 179 7.46 -13.97 10.80
C TRP A 179 7.81 -12.49 10.71
N MET A 180 7.55 -11.74 11.77
CA MET A 180 7.86 -10.32 11.79
C MET A 180 9.35 -10.09 11.82
N GLY A 181 9.82 -9.06 11.11
CA GLY A 181 11.23 -8.71 11.10
C GLY A 181 11.71 -8.18 12.44
N ARG A 182 13.01 -7.98 12.58
N ARG A 182 13.01 -7.97 12.56
CA ARG A 182 13.59 -7.51 13.83
CA ARG A 182 13.60 -7.50 13.81
C ARG A 182 13.63 -5.98 13.89
C ARG A 182 13.62 -5.97 13.87
N ARG A 183 12.65 -5.40 14.57
CA ARG A 183 12.52 -3.96 14.68
C ARG A 183 13.31 -3.41 15.88
N LEU A 184 14.51 -2.91 15.63
CA LEU A 184 15.41 -2.52 16.71
C LEU A 184 14.89 -1.34 17.52
N ARG A 185 14.13 -0.44 16.89
CA ARG A 185 13.51 0.65 17.64
C ARG A 185 12.55 0.08 18.69
N ASP A 186 11.72 -0.87 18.26
CA ASP A 186 10.73 -1.49 19.14
C ASP A 186 11.39 -2.25 20.28
N MET A 187 12.47 -2.96 19.95
CA MET A 187 13.21 -3.72 20.96
C MET A 187 13.82 -2.78 21.99
N ARG A 188 14.43 -1.70 21.52
CA ARG A 188 15.06 -0.72 22.40
C ARG A 188 14.05 0.01 23.28
N ASN A 189 12.87 0.28 22.74
CA ASN A 189 11.81 0.95 23.49
C ASN A 189 11.07 -0.01 24.41
N GLY A 190 11.24 -1.31 24.17
CA GLY A 190 10.42 -2.31 24.84
C GLY A 190 8.96 -2.04 24.50
N PHE A 191 8.71 -1.76 23.23
CA PHE A 191 7.37 -1.38 22.78
C PHE A 191 6.39 -2.54 22.84
N ALA A 192 5.21 -2.26 23.37
CA ALA A 192 4.12 -3.23 23.40
C ALA A 192 2.80 -2.53 23.19
N LEU A 193 1.81 -3.26 22.68
CA LEU A 193 0.48 -2.71 22.51
C LEU A 193 -0.10 -2.25 23.84
N PRO A 194 -0.54 -0.99 23.90
CA PRO A 194 -1.32 -0.54 25.06
C PRO A 194 -2.56 -1.41 25.21
N GLU A 195 -3.02 -1.62 26.43
CA GLU A 195 -4.11 -2.55 26.64
C GLU A 195 -5.43 -2.03 26.06
N TRP A 196 -5.48 -0.75 25.69
CA TRP A 196 -6.67 -0.21 25.05
C TRP A 196 -6.65 -0.43 23.53
N VAL A 197 -5.62 -1.11 23.03
CA VAL A 197 -5.56 -1.49 21.62
C VAL A 197 -5.52 -3.01 21.49
N THR A 198 -6.49 -3.59 20.78
CA THR A 198 -6.54 -5.03 20.58
C THR A 198 -6.71 -5.42 19.11
N ALA A 199 -6.47 -6.69 18.82
CA ALA A 199 -6.76 -7.24 17.49
C ALA A 199 -8.25 -7.59 17.40
N ALA A 200 -9.03 -6.63 16.92
CA ALA A 200 -10.49 -6.70 17.01
C ALA A 200 -11.10 -7.83 16.18
N ASN A 201 -10.34 -8.39 15.25
CA ASN A 201 -10.85 -9.48 14.43
C ASN A 201 -10.77 -10.82 15.15
N PHE A 202 -10.12 -10.85 16.31
CA PHE A 202 -9.93 -12.09 17.07
C PHE A 202 -10.57 -12.06 18.45
N ASP A 203 -10.74 -13.23 19.04
CA ASP A 203 -11.27 -13.37 20.40
C ASP A 203 -10.35 -14.24 21.26
N GLU A 225 1.30 -16.97 16.57
CA GLU A 225 0.02 -16.93 15.86
C GLU A 225 0.23 -17.08 14.35
N PHE A 226 1.21 -16.35 13.82
CA PHE A 226 1.54 -16.42 12.41
C PHE A 226 2.07 -17.80 12.02
N ALA A 227 1.78 -18.21 10.80
CA ALA A 227 2.49 -19.32 10.18
C ALA A 227 3.03 -18.85 8.84
N PRO A 228 4.21 -19.36 8.45
CA PRO A 228 4.75 -19.05 7.12
C PRO A 228 3.79 -19.47 6.01
N ALA A 229 3.48 -18.55 5.10
CA ALA A 229 2.64 -18.88 3.95
C ALA A 229 3.49 -19.51 2.85
N THR A 230 2.90 -20.42 2.08
CA THR A 230 3.54 -21.02 0.94
C THR A 230 2.65 -20.89 -0.29
N TRP A 231 3.11 -21.40 -1.42
CA TRP A 231 2.32 -21.37 -2.64
C TRP A 231 1.07 -22.24 -2.49
N GLU A 232 1.14 -23.22 -1.59
CA GLU A 232 -0.03 -24.05 -1.32
CA GLU A 232 -0.01 -24.06 -1.26
C GLU A 232 -1.09 -23.22 -0.58
N SER A 233 -0.65 -22.31 0.28
CA SER A 233 -1.55 -21.41 0.99
C SER A 233 -2.28 -20.48 0.02
N VAL A 234 -1.54 -19.94 -0.95
CA VAL A 234 -2.11 -19.12 -2.01
C VAL A 234 -3.20 -19.88 -2.75
N GLU A 235 -2.93 -21.14 -3.08
CA GLU A 235 -3.91 -21.93 -3.82
C GLU A 235 -5.17 -22.17 -2.99
N ALA A 236 -4.98 -22.41 -1.70
CA ALA A 236 -6.12 -22.62 -0.80
C ALA A 236 -7.01 -21.38 -0.77
N VAL A 237 -6.36 -20.21 -0.71
CA VAL A 237 -7.12 -18.96 -0.69
C VAL A 237 -7.84 -18.79 -2.02
N ARG A 238 -7.13 -18.98 -3.12
CA ARG A 238 -7.71 -18.80 -4.45
C ARG A 238 -8.91 -19.71 -4.68
N ALA A 239 -8.84 -20.93 -4.18
CA ALA A 239 -9.94 -21.88 -4.33
C ALA A 239 -11.13 -21.56 -3.43
N HIS A 240 -10.91 -20.73 -2.42
CA HIS A 240 -11.92 -20.46 -1.40
C HIS A 240 -12.68 -19.15 -1.64
N THR A 241 -12.29 -18.39 -2.66
CA THR A 241 -12.92 -17.10 -2.92
C THR A 241 -13.02 -16.78 -4.39
N ASP A 242 -14.00 -15.95 -4.73
CA ASP A 242 -14.15 -15.46 -6.09
C ASP A 242 -13.47 -14.11 -6.23
N LEU A 243 -13.02 -13.55 -5.11
CA LEU A 243 -12.36 -12.25 -5.13
C LEU A 243 -10.96 -12.37 -5.72
N PRO A 244 -10.48 -11.30 -6.37
CA PRO A 244 -9.09 -11.31 -6.84
C PRO A 244 -8.12 -11.40 -5.67
N VAL A 245 -7.12 -12.27 -5.81
CA VAL A 245 -6.10 -12.43 -4.80
C VAL A 245 -4.85 -11.65 -5.24
N VAL A 246 -4.36 -10.81 -4.35
CA VAL A 246 -3.22 -9.92 -4.62
C VAL A 246 -2.08 -10.27 -3.69
N LEU A 247 -0.93 -10.67 -4.25
CA LEU A 247 0.19 -11.08 -3.41
C LEU A 247 1.08 -9.89 -3.10
N LYS A 248 1.12 -9.50 -1.82
CA LYS A 248 1.86 -8.31 -1.40
C LYS A 248 3.21 -8.69 -0.81
N GLY A 249 4.27 -8.12 -1.36
CA GLY A 249 5.62 -8.39 -0.88
C GLY A 249 6.47 -9.18 -1.87
N ILE A 250 6.14 -9.09 -3.15
CA ILE A 250 6.89 -9.76 -4.21
C ILE A 250 8.07 -8.90 -4.68
N LEU A 251 9.27 -9.48 -4.77
CA LEU A 251 10.42 -8.73 -5.24
C LEU A 251 11.20 -9.44 -6.36
N ALA A 252 11.16 -10.76 -6.38
CA ALA A 252 11.88 -11.51 -7.40
C ALA A 252 11.03 -11.66 -8.66
N VAL A 253 11.67 -11.48 -9.81
CA VAL A 253 10.97 -11.57 -11.09
C VAL A 253 10.26 -12.90 -11.26
N GLU A 254 10.93 -13.98 -10.88
CA GLU A 254 10.27 -15.27 -11.04
CA GLU A 254 10.38 -15.33 -10.93
C GLU A 254 9.14 -15.50 -10.06
N ASP A 255 9.17 -14.85 -8.90
CA ASP A 255 8.01 -14.91 -8.01
C ASP A 255 6.82 -14.17 -8.62
N ALA A 256 7.09 -13.09 -9.35
CA ALA A 256 6.02 -12.37 -10.04
C ALA A 256 5.41 -13.25 -11.14
N ARG A 257 6.27 -13.91 -11.91
CA ARG A 257 5.79 -14.85 -12.93
C ARG A 257 4.94 -15.94 -12.32
N ARG A 258 5.44 -16.53 -11.24
CA ARG A 258 4.72 -17.61 -10.59
C ARG A 258 3.38 -17.14 -10.01
N ALA A 259 3.35 -15.89 -9.55
CA ALA A 259 2.11 -15.31 -9.03
C ALA A 259 1.03 -15.32 -10.11
N VAL A 260 1.41 -14.94 -11.32
CA VAL A 260 0.46 -14.94 -12.43
C VAL A 260 0.01 -16.37 -12.73
N ASP A 261 0.97 -17.29 -12.78
CA ASP A 261 0.67 -18.71 -13.01
C ASP A 261 -0.24 -19.30 -11.93
N ALA A 262 -0.11 -18.78 -10.71
CA ALA A 262 -0.89 -19.24 -9.58
C ALA A 262 -2.30 -18.66 -9.56
N GLY A 263 -2.60 -17.78 -10.51
CA GLY A 263 -3.93 -17.21 -10.62
C GLY A 263 -4.14 -15.92 -9.83
N ALA A 264 -3.07 -15.30 -9.36
CA ALA A 264 -3.18 -14.02 -8.67
C ALA A 264 -3.75 -12.96 -9.62
N GLY A 265 -4.62 -12.11 -9.09
CA GLY A 265 -5.18 -11.01 -9.87
C GLY A 265 -4.28 -9.78 -9.83
N GLY A 266 -3.34 -9.79 -8.89
CA GLY A 266 -2.39 -8.69 -8.78
C GLY A 266 -1.23 -9.05 -7.87
N ILE A 267 -0.20 -8.21 -7.89
CA ILE A 267 0.88 -8.32 -6.92
C ILE A 267 1.25 -6.93 -6.42
N VAL A 268 1.82 -6.85 -5.23
CA VAL A 268 2.38 -5.59 -4.79
C VAL A 268 3.89 -5.76 -4.67
N VAL A 269 4.63 -5.07 -5.52
CA VAL A 269 6.08 -5.10 -5.50
C VAL A 269 6.54 -4.23 -4.33
N SER A 270 7.20 -4.84 -3.36
CA SER A 270 7.28 -4.25 -2.02
C SER A 270 8.30 -4.92 -1.14
N ASN A 271 9.06 -4.15 -0.35
CA ASN A 271 9.89 -4.75 0.68
C ASN A 271 9.31 -4.42 2.07
N HIS A 272 8.00 -4.19 2.11
CA HIS A 272 7.26 -3.99 3.35
C HIS A 272 7.74 -2.73 4.08
N GLY A 273 8.02 -1.69 3.31
CA GLY A 273 8.45 -0.42 3.89
C GLY A 273 9.74 -0.51 4.67
N GLY A 274 10.59 -1.46 4.31
CA GLY A 274 11.87 -1.65 4.99
C GLY A 274 11.74 -2.28 6.36
N ARG A 275 10.62 -2.94 6.61
CA ARG A 275 10.32 -3.47 7.94
C ARG A 275 10.53 -4.98 8.07
N GLN A 276 10.83 -5.65 6.96
CA GLN A 276 11.05 -7.09 7.01
C GLN A 276 12.54 -7.43 6.82
N LEU A 277 12.93 -7.89 5.64
CA LEU A 277 14.35 -8.18 5.43
C LEU A 277 15.15 -6.89 5.27
N ASP A 278 16.04 -6.61 6.22
CA ASP A 278 16.94 -5.47 6.08
C ASP A 278 18.00 -5.80 5.04
N GLY A 279 18.05 -5.01 3.97
CA GLY A 279 18.93 -5.30 2.86
C GLY A 279 18.17 -5.80 1.64
N ALA A 280 16.86 -5.98 1.81
CA ALA A 280 16.00 -6.30 0.68
C ALA A 280 15.95 -5.12 -0.28
N VAL A 281 16.04 -5.41 -1.58
CA VAL A 281 15.99 -4.40 -2.63
C VAL A 281 14.65 -3.64 -2.56
N PRO A 282 14.67 -2.31 -2.83
CA PRO A 282 13.40 -1.59 -2.93
C PRO A 282 12.52 -2.10 -4.07
N GLY A 283 11.21 -2.13 -3.88
CA GLY A 283 10.30 -2.57 -4.92
C GLY A 283 10.43 -1.74 -6.20
N ILE A 284 10.64 -0.44 -6.04
CA ILE A 284 10.71 0.45 -7.19
CA ILE A 284 10.75 0.49 -7.17
C ILE A 284 11.92 0.10 -8.08
N GLU A 285 12.95 -0.53 -7.51
CA GLU A 285 14.10 -0.95 -8.30
CA GLU A 285 14.10 -0.95 -8.30
C GLU A 285 13.82 -2.23 -9.09
N MET A 286 12.84 -3.01 -8.65
CA MET A 286 12.47 -4.24 -9.36
C MET A 286 11.26 -4.08 -10.27
N LEU A 287 10.55 -2.97 -10.11
CA LEU A 287 9.24 -2.77 -10.76
C LEU A 287 9.27 -2.94 -12.28
N GLY A 288 10.20 -2.26 -12.94
CA GLY A 288 10.25 -2.29 -14.39
C GLY A 288 10.45 -3.69 -14.92
N GLU A 289 11.39 -4.41 -14.33
CA GLU A 289 11.69 -5.77 -14.76
C GLU A 289 10.49 -6.69 -14.53
N ILE A 290 9.81 -6.51 -13.41
CA ILE A 290 8.63 -7.31 -13.09
C ILE A 290 7.47 -7.00 -14.04
N VAL A 291 7.22 -5.72 -14.30
CA VAL A 291 6.16 -5.35 -15.24
C VAL A 291 6.39 -5.99 -16.61
N ALA A 292 7.64 -5.97 -17.07
CA ALA A 292 7.98 -6.60 -18.34
C ALA A 292 7.72 -8.12 -18.31
N ALA A 293 8.10 -8.77 -17.21
CA ALA A 293 7.94 -10.23 -17.10
C ALA A 293 6.50 -10.70 -17.02
N VAL A 294 5.62 -9.95 -16.36
N VAL A 294 5.67 -9.89 -16.37
CA VAL A 294 4.25 -10.44 -16.22
CA VAL A 294 4.25 -10.18 -16.17
C VAL A 294 3.43 -10.12 -17.47
C VAL A 294 3.49 -10.09 -17.49
N SER A 295 3.93 -9.17 -18.26
N SER A 295 3.89 -9.14 -18.34
CA SER A 295 3.36 -8.80 -19.57
CA SER A 295 3.28 -8.94 -19.65
C SER A 295 1.83 -8.74 -19.57
C SER A 295 1.77 -8.78 -19.58
N GLY A 296 1.28 -7.93 -18.67
CA GLY A 296 -0.15 -7.71 -18.57
C GLY A 296 -0.96 -8.81 -17.91
N GLY A 297 -0.28 -9.82 -17.36
CA GLY A 297 -0.95 -10.99 -16.80
C GLY A 297 -1.66 -10.76 -15.47
N CYS A 298 -1.25 -9.73 -14.74
CA CYS A 298 -1.94 -9.30 -13.52
C CYS A 298 -1.66 -7.82 -13.28
N GLU A 299 -2.39 -7.20 -12.36
CA GLU A 299 -2.09 -5.83 -11.94
C GLU A 299 -0.78 -5.81 -11.17
N VAL A 300 0.06 -4.81 -11.42
CA VAL A 300 1.32 -4.70 -10.68
C VAL A 300 1.35 -3.38 -9.92
N LEU A 301 1.21 -3.49 -8.61
CA LEU A 301 1.26 -2.34 -7.73
C LEU A 301 2.65 -2.25 -7.11
N VAL A 302 2.99 -1.08 -6.58
CA VAL A 302 4.26 -0.91 -5.87
C VAL A 302 4.02 -0.06 -4.65
N ASP A 303 4.82 -0.24 -3.60
CA ASP A 303 4.82 0.71 -2.50
C ASP A 303 6.21 0.90 -1.92
N GLY A 304 6.31 1.74 -0.90
CA GLY A 304 7.60 2.03 -0.30
C GLY A 304 8.06 3.43 -0.66
N GLY A 305 7.85 4.37 0.26
CA GLY A 305 8.38 5.71 0.11
C GLY A 305 7.63 6.66 -0.81
N ILE A 306 6.41 6.30 -1.23
CA ILE A 306 5.61 7.23 -2.02
C ILE A 306 5.20 8.41 -1.14
N ARG A 307 5.64 9.61 -1.49
CA ARG A 307 5.44 10.77 -0.62
C ARG A 307 4.88 11.99 -1.36
N SER A 308 4.52 11.83 -2.63
CA SER A 308 3.97 12.94 -3.41
C SER A 308 3.32 12.45 -4.70
N GLY A 309 2.59 13.34 -5.35
CA GLY A 309 2.02 13.04 -6.65
C GLY A 309 3.12 12.78 -7.68
N GLY A 310 4.22 13.49 -7.54
CA GLY A 310 5.38 13.25 -8.40
C GLY A 310 5.93 11.84 -8.25
N ASP A 311 5.92 11.32 -7.03
CA ASP A 311 6.35 9.94 -6.78
C ASP A 311 5.38 8.96 -7.43
N VAL A 312 4.10 9.28 -7.36
CA VAL A 312 3.09 8.46 -8.01
C VAL A 312 3.34 8.42 -9.52
N LEU A 313 3.67 9.58 -10.08
CA LEU A 313 3.96 9.64 -11.51
C LEU A 313 5.16 8.77 -11.86
N LYS A 314 6.21 8.82 -11.04
CA LYS A 314 7.40 7.99 -11.27
C LYS A 314 7.06 6.50 -11.29
N ALA A 315 6.30 6.06 -10.29
CA ALA A 315 5.87 4.66 -10.21
C ALA A 315 5.08 4.24 -11.43
N THR A 316 4.16 5.10 -11.87
CA THR A 316 3.34 4.85 -13.03
CA THR A 316 3.36 4.74 -13.02
C THR A 316 4.22 4.73 -14.29
N ALA A 317 5.16 5.67 -14.40
CA ALA A 317 6.04 5.71 -15.57
C ALA A 317 6.92 4.46 -15.64
N LEU A 318 7.22 3.89 -14.47
CA LEU A 318 7.98 2.64 -14.40
C LEU A 318 7.10 1.41 -14.65
N GLY A 319 5.79 1.61 -14.77
CA GLY A 319 4.90 0.54 -15.17
C GLY A 319 3.82 0.13 -14.18
N ALA A 320 3.81 0.72 -12.99
CA ALA A 320 2.84 0.32 -11.96
C ALA A 320 1.41 0.66 -12.33
N SER A 321 0.49 -0.22 -11.97
CA SER A 321 -0.95 0.01 -12.12
C SER A 321 -1.43 1.06 -11.12
N ALA A 322 -0.85 1.00 -9.93
CA ALA A 322 -1.24 1.83 -8.81
C ALA A 322 -0.20 1.71 -7.72
N VAL A 323 -0.25 2.62 -6.75
CA VAL A 323 0.66 2.55 -5.60
C VAL A 323 -0.13 2.32 -4.32
N LEU A 324 0.55 1.86 -3.29
CA LEU A 324 0.03 1.91 -1.92
C LEU A 324 0.79 3.00 -1.17
N VAL A 325 0.08 3.67 -0.27
CA VAL A 325 0.70 4.67 0.60
C VAL A 325 0.41 4.28 2.05
N GLY A 326 1.46 4.19 2.85
CA GLY A 326 1.34 3.71 4.21
C GLY A 326 1.53 4.79 5.27
N ARG A 327 2.79 5.05 5.62
CA ARG A 327 3.08 5.96 6.74
C ARG A 327 2.44 7.35 6.63
N PRO A 328 2.46 7.99 5.44
CA PRO A 328 1.85 9.33 5.37
C PRO A 328 0.37 9.38 5.77
N VAL A 329 -0.38 8.33 5.47
CA VAL A 329 -1.79 8.29 5.84
C VAL A 329 -1.91 8.26 7.37
N MET A 330 -0.98 7.54 8.01
CA MET A 330 -0.96 7.49 9.47
C MET A 330 -0.51 8.81 10.09
N TRP A 331 0.41 9.52 9.43
CA TRP A 331 0.78 10.87 9.90
C TRP A 331 -0.46 11.77 9.94
N ALA A 332 -1.25 11.73 8.88
CA ALA A 332 -2.43 12.60 8.77
C ALA A 332 -3.49 12.21 9.79
N LEU A 333 -3.65 10.91 9.99
CA LEU A 333 -4.56 10.39 11.00
C LEU A 333 -4.15 10.87 12.39
N ALA A 334 -2.86 10.76 12.70
CA ALA A 334 -2.35 11.18 14.00
C ALA A 334 -2.54 12.68 14.19
N ALA A 335 -2.32 13.42 13.11
CA ALA A 335 -2.32 14.88 13.19
C ALA A 335 -3.72 15.49 13.32
N ALA A 336 -4.72 14.89 12.68
CA ALA A 336 -6.04 15.51 12.62
C ALA A 336 -7.18 14.56 12.31
N GLY A 337 -7.03 13.28 12.65
CA GLY A 337 -8.11 12.32 12.50
C GLY A 337 -8.63 12.22 11.08
N GLN A 338 -9.95 12.02 10.94
CA GLN A 338 -10.54 11.85 9.63
C GLN A 338 -10.27 13.04 8.71
N ASP A 339 -10.41 14.25 9.25
CA ASP A 339 -10.19 15.45 8.45
CA ASP A 339 -10.20 15.45 8.44
C ASP A 339 -8.74 15.55 7.97
N GLY A 340 -7.81 15.08 8.81
CA GLY A 340 -6.41 15.05 8.43
C GLY A 340 -6.18 14.16 7.23
N VAL A 341 -6.74 12.95 7.25
CA VAL A 341 -6.59 12.03 6.12
C VAL A 341 -7.26 12.59 4.88
N ARG A 342 -8.43 13.20 5.05
CA ARG A 342 -9.11 13.85 3.92
C ARG A 342 -8.20 14.87 3.25
N GLN A 343 -7.54 15.68 4.07
CA GLN A 343 -6.67 16.74 3.55
C GLN A 343 -5.48 16.13 2.81
N LEU A 344 -4.94 15.06 3.37
CA LEU A 344 -3.83 14.35 2.74
C LEU A 344 -4.23 13.84 1.36
N LEU A 345 -5.38 13.18 1.28
CA LEU A 345 -5.82 12.61 0.02
C LEU A 345 -6.17 13.70 -1.01
N GLU A 346 -6.70 14.83 -0.55
CA GLU A 346 -6.97 15.94 -1.45
C GLU A 346 -5.67 16.53 -2.00
N LEU A 347 -4.66 16.64 -1.13
CA LEU A 347 -3.35 17.14 -1.54
C LEU A 347 -2.71 16.19 -2.55
N LEU A 348 -2.72 14.90 -2.23
CA LEU A 348 -2.16 13.91 -3.14
CA LEU A 348 -2.18 13.89 -3.13
C LEU A 348 -2.89 13.91 -4.48
N ALA A 349 -4.22 14.05 -4.46
CA ALA A 349 -5.00 14.13 -5.70
C ALA A 349 -4.58 15.32 -6.55
N GLU A 350 -4.40 16.48 -5.94
CA GLU A 350 -3.98 17.65 -6.71
CA GLU A 350 -3.95 17.67 -6.66
C GLU A 350 -2.56 17.46 -7.25
N GLU A 351 -1.68 16.85 -6.46
CA GLU A 351 -0.30 16.67 -6.90
C GLU A 351 -0.22 15.68 -8.06
N VAL A 352 -1.04 14.63 -8.03
CA VAL A 352 -1.07 13.66 -9.12
C VAL A 352 -1.58 14.30 -10.41
N ARG A 353 -2.68 15.05 -10.33
N ARG A 353 -2.67 15.05 -10.29
CA ARG A 353 -3.20 15.74 -11.50
CA ARG A 353 -3.24 15.76 -11.43
C ARG A 353 -2.16 16.70 -12.07
C ARG A 353 -2.23 16.73 -12.04
N ASP A 354 -1.56 17.48 -11.18
CA ASP A 354 -0.54 18.45 -11.59
C ASP A 354 0.61 17.77 -12.32
N ALA A 355 1.18 16.75 -11.69
CA ALA A 355 2.31 16.02 -12.25
C ALA A 355 1.94 15.43 -13.61
N MET A 356 0.77 14.80 -13.70
CA MET A 356 0.36 14.18 -14.94
C MET A 356 0.23 15.18 -16.09
N GLY A 357 -0.42 16.31 -15.82
CA GLY A 357 -0.60 17.35 -16.82
C GLY A 357 0.72 17.96 -17.27
N LEU A 358 1.58 18.29 -16.31
CA LEU A 358 2.89 18.85 -16.63
C LEU A 358 3.73 17.88 -17.46
N ALA A 359 3.46 16.58 -17.31
CA ALA A 359 4.16 15.54 -18.06
C ALA A 359 3.45 15.17 -19.36
N GLY A 360 2.37 15.90 -19.68
CA GLY A 360 1.63 15.68 -20.91
C GLY A 360 0.74 14.45 -20.92
N CYS A 361 0.27 14.03 -19.76
CA CYS A 361 -0.55 12.83 -19.70
C CYS A 361 -2.00 13.11 -19.33
N GLU A 362 -2.90 12.82 -20.24
CA GLU A 362 -4.33 13.04 -20.00
C GLU A 362 -4.95 11.88 -19.23
N SER A 363 -4.22 10.76 -19.14
CA SER A 363 -4.71 9.58 -18.45
C SER A 363 -3.57 8.83 -17.80
N VAL A 364 -3.90 7.97 -16.83
CA VAL A 364 -2.88 7.15 -16.18
C VAL A 364 -2.20 6.22 -17.19
N GLY A 365 -2.98 5.71 -18.15
CA GLY A 365 -2.43 4.88 -19.20
C GLY A 365 -1.31 5.59 -19.95
N ALA A 366 -1.53 6.86 -20.26
CA ALA A 366 -0.51 7.70 -20.91
C ALA A 366 0.74 7.85 -20.04
N ALA A 367 0.52 8.00 -18.74
CA ALA A 367 1.62 8.12 -17.78
C ALA A 367 2.46 6.85 -17.75
N ARG A 368 1.84 5.68 -17.91
CA ARG A 368 2.62 4.44 -17.94
C ARG A 368 3.53 4.35 -19.16
N ARG A 369 3.22 5.09 -20.22
CA ARG A 369 4.06 5.06 -21.43
C ARG A 369 5.17 6.12 -21.41
N LEU A 370 5.24 6.92 -20.34
CA LEU A 370 6.36 7.84 -20.17
C LEU A 370 7.66 7.09 -19.99
N ASN A 371 8.74 7.68 -20.50
CA ASN A 371 10.08 7.16 -20.23
C ASN A 371 10.72 7.84 -19.03
N THR A 372 11.69 7.16 -18.43
CA THR A 372 12.41 7.69 -17.29
C THR A 372 13.93 7.63 -17.53
N LYS A 373 14.67 8.31 -16.68
CA LYS A 373 16.12 8.32 -16.76
C LYS A 373 16.66 8.30 -15.33
N LEU A 374 17.63 7.42 -15.07
CA LEU A 374 18.25 7.39 -13.75
C LEU A 374 19.25 8.55 -13.60
N GLY A 375 19.22 9.17 -12.43
CA GLY A 375 20.11 10.27 -12.13
C GLY A 375 20.96 9.97 -10.92
N VAL A 376 21.58 11.00 -10.35
CA VAL A 376 22.48 10.82 -9.20
C VAL A 376 21.96 11.52 -7.95
#